data_6JMN
#
_entry.id   6JMN
#
_cell.length_a   48.496
_cell.length_b   108.684
_cell.length_c   122.442
_cell.angle_alpha   90.000
_cell.angle_beta   90.000
_cell.angle_gamma   90.000
#
_symmetry.space_group_name_H-M   'P 2 21 21'
#
loop_
_entity.id
_entity.type
_entity.pdbx_description
1 polymer Chitinase
2 non-polymer 6-azanyl-11-methyl-2-oxidanylidene-7-[[(2R)-oxolan-2-yl]methyl]-N-(pyridin-3-ylmethyl)-1,9-diaza-7-azoniatricyclo[8.4.0.0^{3,8}]tetradeca-3(8),4,6,9,11,13-hexaene-5-carboxamide
3 non-polymer 2-acetamido-2-deoxy-beta-D-glucopyranose
4 water water
#
_entity_poly.entity_id   1
_entity_poly.type   'polypeptide(L)'
_entity_poly.pdbx_seq_one_letter_code
;MGRLAIVVVATLALAAAAPPGKPSLGWGERTFAIVEVNQAATAYNQLVTKRDSADVSVTWNVWSGDPADKARVLLNDKEF
WSGTGGAAGSASFKVKKGGRYQMVVELCNADGCSQSDATEIIVADTDGSHLPPLDYNMGEKNKPFKQTSGKVVGAYFVEW
GVYPRKFPVDRVPIPNLTHLLYGFIPICGGDGINDSLKEIEGSFQALQRSCSGREDFKVSIHDPWAALQKPQKGLSSWNE
PYKGNFGQLMMLKQAKPDLKILPSIGGWTLADPFFFFTDETKRRRFVASVKDFLQTWKFFDGVDIDWEFPGGKGANPNLG
SPKDGEIYVLLMKELREMLNELSAETGRKYELTSAISAGWDKIQVVDYSAAQKYMDHIFFMSYDFKGAWSNDTLGHQASL
YAPDWNEKETYTTDFGVQFLLAQGVSPKKIVVGVAMYGRGWTGVHGYKDNNPFTGNATGPVKGTWQDGVVDYREIATEIA
QGKWEYHYDKVAQAPYVFRPATGDLITYDDARSTIEKGKYVRANKLGGLFAWEIDADNGDILNAMNMGLGNSA
;
_entity_poly.pdbx_strand_id   A
#
# COMPACT_ATOMS: atom_id res chain seq x y z
N ALA A 18 36.93 39.32 -24.18
CA ALA A 18 36.59 38.49 -25.33
C ALA A 18 36.39 37.03 -24.92
N PRO A 19 35.27 36.73 -24.27
CA PRO A 19 34.99 35.36 -23.85
C PRO A 19 34.62 34.49 -25.05
N PRO A 20 34.53 33.18 -24.88
CA PRO A 20 34.13 32.34 -26.01
C PRO A 20 32.71 32.65 -26.46
N GLY A 21 32.40 32.25 -27.69
CA GLY A 21 31.06 32.46 -28.22
C GLY A 21 30.03 31.66 -27.45
N LYS A 22 28.84 32.21 -27.36
CA LYS A 22 27.74 31.56 -26.64
C LYS A 22 27.38 30.25 -27.33
N PRO A 23 27.54 29.10 -26.69
CA PRO A 23 27.24 27.83 -27.36
C PRO A 23 25.75 27.61 -27.52
N SER A 24 25.42 26.72 -28.45
CA SER A 24 24.05 26.31 -28.72
C SER A 24 23.93 24.82 -28.51
N LEU A 25 22.99 24.41 -27.67
CA LEU A 25 22.85 23.00 -27.32
C LEU A 25 22.28 22.21 -28.48
N GLY A 26 22.80 21.00 -28.69
CA GLY A 26 22.31 20.14 -29.74
C GLY A 26 21.04 19.43 -29.31
N TRP A 27 20.15 19.24 -30.28
CA TRP A 27 18.92 18.49 -30.02
C TRP A 27 19.25 17.06 -29.61
N GLY A 28 18.52 16.57 -28.62
CA GLY A 28 18.76 15.23 -28.13
C GLY A 28 17.80 14.88 -27.03
N GLU A 29 18.04 13.70 -26.44
CA GLU A 29 17.18 13.21 -25.37
C GLU A 29 17.21 14.16 -24.17
N ARG A 30 16.03 14.47 -23.64
CA ARG A 30 15.90 15.34 -22.49
C ARG A 30 15.31 14.65 -21.27
N THR A 31 14.92 13.39 -21.39
CA THR A 31 14.36 12.64 -20.27
C THR A 31 15.24 11.42 -19.99
N PHE A 32 15.64 11.27 -18.73
CA PHE A 32 16.53 10.21 -18.30
C PHE A 32 15.98 9.60 -17.02
N ALA A 33 16.24 8.31 -16.83
CA ALA A 33 15.65 7.56 -15.73
C ALA A 33 16.75 6.90 -14.91
N ILE A 34 16.81 7.26 -13.62
CA ILE A 34 17.68 6.54 -12.69
C ILE A 34 17.23 5.09 -12.56
N VAL A 35 15.91 4.88 -12.52
CA VAL A 35 15.32 3.55 -12.49
C VAL A 35 14.55 3.38 -13.79
N GLU A 36 15.02 2.48 -14.65
CA GLU A 36 14.40 2.27 -15.95
C GLU A 36 13.21 1.33 -15.82
N VAL A 37 12.16 1.60 -16.59
CA VAL A 37 10.95 0.80 -16.61
C VAL A 37 10.58 0.50 -18.05
N ASN A 38 10.63 -0.78 -18.43
CA ASN A 38 10.17 -1.20 -19.74
C ASN A 38 8.64 -1.14 -19.77
N GLN A 39 8.10 -0.22 -20.57
CA GLN A 39 6.66 0.03 -20.57
C GLN A 39 5.86 -1.09 -21.24
N ALA A 40 6.50 -2.14 -21.74
CA ALA A 40 5.79 -3.23 -22.41
C ALA A 40 6.18 -4.60 -21.88
N ALA A 41 6.86 -4.68 -20.75
CA ALA A 41 7.29 -5.97 -20.23
C ALA A 41 6.18 -6.63 -19.43
N THR A 42 6.28 -7.95 -19.30
CA THR A 42 5.37 -8.73 -18.46
C THR A 42 6.07 -9.49 -17.34
N ALA A 43 7.36 -9.72 -17.45
CA ALA A 43 8.15 -10.32 -16.37
C ALA A 43 8.82 -9.22 -15.56
N TYR A 44 8.90 -9.42 -14.24
CA TYR A 44 9.35 -8.37 -13.35
C TYR A 44 10.79 -7.97 -13.64
N ASN A 45 11.67 -8.94 -13.90
CA ASN A 45 13.07 -8.63 -14.16
C ASN A 45 13.27 -7.95 -15.51
N GLN A 46 12.34 -8.14 -16.45
CA GLN A 46 12.35 -7.38 -17.69
C GLN A 46 11.63 -6.05 -17.56
N LEU A 47 10.93 -5.83 -16.46
CA LEU A 47 10.10 -4.64 -16.28
C LEU A 47 10.88 -3.46 -15.73
N VAL A 48 11.82 -3.70 -14.82
CA VAL A 48 12.51 -2.64 -14.10
C VAL A 48 13.99 -2.96 -13.99
N THR A 49 14.82 -1.92 -14.06
CA THR A 49 16.27 -2.04 -13.86
C THR A 49 16.71 -0.90 -12.95
N LYS A 50 16.99 -1.24 -11.69
CA LYS A 50 17.43 -0.23 -10.74
C LYS A 50 18.90 0.11 -10.97
N ARG A 51 19.20 1.41 -11.08
CA ARG A 51 20.55 1.90 -11.19
C ARG A 51 20.78 2.95 -10.11
N ASP A 52 22.06 3.20 -9.81
CA ASP A 52 22.40 4.20 -8.80
C ASP A 52 22.39 5.62 -9.35
N SER A 53 22.25 5.78 -10.66
CA SER A 53 22.22 7.10 -11.29
C SER A 53 21.80 6.93 -12.73
N ALA A 54 21.38 8.04 -13.34
CA ALA A 54 21.11 8.10 -14.77
C ALA A 54 22.33 8.66 -15.49
N ASP A 55 22.43 8.33 -16.78
CA ASP A 55 23.52 8.80 -17.62
C ASP A 55 22.95 9.86 -18.56
N VAL A 56 23.23 11.13 -18.24
CA VAL A 56 22.70 12.28 -18.96
C VAL A 56 23.74 12.75 -19.97
N SER A 57 23.31 12.99 -21.20
CA SER A 57 24.20 13.38 -22.29
C SER A 57 23.73 14.71 -22.89
N VAL A 58 24.69 15.48 -23.38
CA VAL A 58 24.41 16.78 -23.99
C VAL A 58 25.47 17.06 -25.05
N THR A 59 25.04 17.70 -26.13
CA THR A 59 25.93 18.13 -27.19
C THR A 59 25.70 19.62 -27.46
N TRP A 60 26.73 20.27 -28.00
CA TRP A 60 26.62 21.70 -28.31
C TRP A 60 27.48 22.01 -29.52
N ASN A 61 27.17 23.15 -30.14
CA ASN A 61 27.84 23.61 -31.36
C ASN A 61 28.47 24.96 -31.11
N VAL A 62 29.75 25.08 -31.44
CA VAL A 62 30.45 26.36 -31.38
C VAL A 62 30.44 26.99 -32.76
N TRP A 63 30.46 28.33 -32.81
CA TRP A 63 30.48 29.06 -34.07
C TRP A 63 31.70 29.93 -34.26
N SER A 64 32.39 30.32 -33.18
CA SER A 64 33.61 31.11 -33.32
C SER A 64 34.86 30.24 -33.45
N GLY A 65 34.82 29.02 -32.93
CA GLY A 65 35.88 28.06 -33.20
C GLY A 65 37.22 28.37 -32.56
N ASP A 66 37.22 29.02 -31.40
CA ASP A 66 38.46 29.11 -30.62
C ASP A 66 38.41 28.01 -29.57
N PRO A 67 39.17 26.91 -29.73
CA PRO A 67 39.12 25.82 -28.74
C PRO A 67 39.34 26.32 -27.33
N ALA A 68 38.26 26.75 -26.69
CA ALA A 68 38.34 27.31 -25.34
C ALA A 68 38.94 26.30 -24.38
N ASP A 69 39.58 26.82 -23.32
CA ASP A 69 40.30 25.96 -22.40
C ASP A 69 39.38 25.08 -21.56
N LYS A 70 38.11 25.47 -21.38
CA LYS A 70 37.28 24.77 -20.40
C LYS A 70 35.81 24.83 -20.82
N ALA A 71 35.14 23.69 -20.75
CA ALA A 71 33.70 23.59 -20.88
C ALA A 71 33.13 22.98 -19.59
N ARG A 72 31.89 23.34 -19.27
CA ARG A 72 31.24 22.83 -18.08
C ARG A 72 29.76 22.63 -18.36
N VAL A 73 29.16 21.66 -17.67
CA VAL A 73 27.72 21.41 -17.73
C VAL A 73 27.16 21.61 -16.33
N LEU A 74 26.30 22.61 -16.16
CA LEU A 74 25.69 22.93 -14.88
C LEU A 74 24.20 22.64 -14.92
N LEU A 75 23.70 22.02 -13.85
CA LEU A 75 22.27 21.77 -13.66
C LEU A 75 21.82 22.62 -12.48
N ASN A 76 20.99 23.63 -12.74
CA ASN A 76 20.58 24.60 -11.73
C ASN A 76 21.80 25.28 -11.11
N ASP A 77 22.69 25.73 -11.98
CA ASP A 77 23.89 26.52 -11.67
C ASP A 77 24.95 25.76 -10.89
N LYS A 78 24.77 24.47 -10.62
CA LYS A 78 25.75 23.66 -9.92
C LYS A 78 26.43 22.72 -10.91
N GLU A 79 27.75 22.56 -10.75
CA GLU A 79 28.55 21.81 -11.72
C GLU A 79 28.32 20.32 -11.61
N PHE A 80 28.17 19.66 -12.76
CA PHE A 80 28.03 18.21 -12.83
C PHE A 80 29.07 17.56 -13.73
N TRP A 81 29.82 18.34 -14.50
CA TRP A 81 30.79 17.81 -15.44
C TRP A 81 31.68 18.95 -15.92
N SER A 82 32.93 18.61 -16.24
CA SER A 82 33.89 19.58 -16.77
C SER A 82 34.76 18.87 -17.80
N GLY A 83 34.98 19.52 -18.92
CA GLY A 83 35.90 18.99 -19.91
C GLY A 83 36.29 20.09 -20.88
N THR A 84 37.20 19.74 -21.79
CA THR A 84 37.88 20.71 -22.65
C THR A 84 37.27 20.78 -24.05
N GLY A 85 36.01 20.37 -24.20
CA GLY A 85 35.38 20.37 -25.52
C GLY A 85 34.96 21.74 -26.02
N GLY A 86 35.93 22.56 -26.41
CA GLY A 86 35.65 23.90 -26.88
C GLY A 86 35.63 24.03 -28.39
N ALA A 87 35.23 22.97 -29.08
CA ALA A 87 35.15 22.95 -30.54
C ALA A 87 34.02 22.03 -30.96
N ALA A 88 32.79 22.38 -30.57
CA ALA A 88 31.60 21.57 -30.82
C ALA A 88 31.76 20.17 -30.28
N GLY A 89 31.55 19.99 -28.98
CA GLY A 89 31.74 18.70 -28.36
C GLY A 89 30.51 18.17 -27.63
N SER A 90 30.72 17.25 -26.69
CA SER A 90 29.64 16.62 -25.97
C SER A 90 30.11 16.28 -24.56
N ALA A 91 29.21 15.70 -23.76
CA ALA A 91 29.52 15.35 -22.39
C ALA A 91 28.51 14.35 -21.87
N SER A 92 29.01 13.38 -21.10
CA SER A 92 28.16 12.43 -20.37
C SER A 92 28.56 12.47 -18.91
N PHE A 93 27.58 12.34 -18.02
CA PHE A 93 27.83 12.43 -16.59
C PHE A 93 26.67 11.80 -15.84
N LYS A 94 26.92 11.48 -14.57
CA LYS A 94 25.94 10.81 -13.73
C LYS A 94 25.15 11.83 -12.92
N VAL A 95 23.85 11.57 -12.78
CA VAL A 95 22.96 12.34 -11.93
C VAL A 95 22.25 11.36 -11.01
N LYS A 96 22.55 11.43 -9.71
CA LYS A 96 22.09 10.43 -8.77
C LYS A 96 20.81 10.82 -8.04
N LYS A 97 20.40 12.08 -8.08
CA LYS A 97 19.16 12.54 -7.47
C LYS A 97 18.23 13.05 -8.54
N GLY A 98 17.01 12.52 -8.57
CA GLY A 98 16.06 12.86 -9.61
C GLY A 98 15.48 14.26 -9.44
N GLY A 99 14.80 14.71 -10.49
CA GLY A 99 14.14 15.99 -10.47
C GLY A 99 14.13 16.60 -11.86
N ARG A 100 13.66 17.84 -11.92
CA ARG A 100 13.66 18.64 -13.14
C ARG A 100 14.84 19.62 -13.06
N TYR A 101 15.71 19.59 -14.05
CA TYR A 101 16.97 20.33 -14.03
C TYR A 101 17.05 21.28 -15.21
N GLN A 102 17.46 22.51 -14.93
CA GLN A 102 17.84 23.46 -15.99
C GLN A 102 19.28 23.17 -16.38
N MET A 103 19.49 22.70 -17.60
CA MET A 103 20.81 22.30 -18.07
C MET A 103 21.43 23.43 -18.89
N VAL A 104 22.68 23.76 -18.57
CA VAL A 104 23.42 24.84 -19.22
C VAL A 104 24.84 24.36 -19.48
N VAL A 105 25.35 24.66 -20.68
CA VAL A 105 26.73 24.40 -21.04
C VAL A 105 27.49 25.72 -21.03
N GLU A 106 28.63 25.75 -20.35
CA GLU A 106 29.42 26.95 -20.19
C GLU A 106 30.80 26.74 -20.79
N LEU A 107 31.27 27.71 -21.57
CA LEU A 107 32.60 27.70 -22.16
C LEU A 107 33.40 28.87 -21.62
N CYS A 108 34.70 28.64 -21.38
CA CYS A 108 35.56 29.64 -20.78
C CYS A 108 36.92 29.67 -21.46
N ASN A 109 37.43 30.88 -21.71
CA ASN A 109 38.81 31.08 -22.08
C ASN A 109 39.51 31.88 -20.97
N ALA A 110 40.57 32.58 -21.33
CA ALA A 110 41.26 33.42 -20.35
C ALA A 110 40.55 34.75 -20.12
N ASP A 111 39.69 35.17 -21.05
CA ASP A 111 39.04 36.46 -20.91
C ASP A 111 37.76 36.39 -20.08
N GLY A 112 37.09 35.24 -20.09
CA GLY A 112 35.85 35.11 -19.34
C GLY A 112 35.13 33.84 -19.73
N CYS A 113 33.81 33.87 -19.56
CA CYS A 113 32.97 32.71 -19.83
C CYS A 113 31.69 33.14 -20.52
N SER A 114 31.09 32.18 -21.23
CA SER A 114 29.77 32.36 -21.83
C SER A 114 28.97 31.09 -21.61
N GLN A 115 27.64 31.23 -21.56
CA GLN A 115 26.77 30.14 -21.18
C GLN A 115 25.65 30.01 -22.20
N SER A 116 25.38 28.77 -22.60
CA SER A 116 24.28 28.49 -23.52
C SER A 116 22.94 28.81 -22.86
N ASP A 117 21.90 28.89 -23.70
CA ASP A 117 20.55 28.99 -23.17
C ASP A 117 20.21 27.71 -22.39
N ALA A 118 19.34 27.86 -21.39
CA ALA A 118 18.98 26.74 -20.56
C ALA A 118 17.92 25.87 -21.22
N THR A 119 18.12 24.56 -21.17
CA THR A 119 17.11 23.60 -21.55
C THR A 119 16.79 22.72 -20.35
N GLU A 120 15.55 22.27 -20.26
CA GLU A 120 15.09 21.49 -19.12
C GLU A 120 15.26 20.01 -19.39
N ILE A 121 15.81 19.28 -18.43
CA ILE A 121 15.91 17.84 -18.50
C ILE A 121 15.12 17.23 -17.34
N ILE A 122 14.60 16.03 -17.57
CA ILE A 122 13.86 15.29 -16.55
C ILE A 122 14.68 14.07 -16.18
N VAL A 123 15.22 14.06 -14.97
CA VAL A 123 15.90 12.90 -14.41
C VAL A 123 14.88 12.21 -13.50
N ALA A 124 14.23 11.18 -14.01
CA ALA A 124 13.16 10.53 -13.27
C ALA A 124 13.72 9.54 -12.26
N ASP A 125 13.11 9.52 -11.08
CA ASP A 125 13.38 8.50 -10.07
C ASP A 125 12.08 8.15 -9.38
N THR A 126 12.08 7.01 -8.69
CA THR A 126 10.86 6.45 -8.13
C THR A 126 10.43 7.12 -6.83
N ASP A 127 11.08 8.22 -6.42
CA ASP A 127 10.60 9.01 -5.30
C ASP A 127 9.66 10.13 -5.74
N GLY A 128 9.43 10.28 -7.04
CA GLY A 128 8.53 11.30 -7.54
C GLY A 128 9.14 12.68 -7.66
N SER A 129 10.45 12.82 -7.47
CA SER A 129 11.09 14.13 -7.53
C SER A 129 10.98 14.79 -8.89
N HIS A 130 10.58 14.05 -9.92
CA HIS A 130 10.39 14.60 -11.26
C HIS A 130 8.93 14.90 -11.58
N LEU A 131 8.01 14.63 -10.64
CA LEU A 131 6.59 14.74 -10.89
C LEU A 131 5.96 15.80 -9.99
N PRO A 132 4.87 16.42 -10.43
CA PRO A 132 4.16 17.38 -9.56
C PRO A 132 3.36 16.66 -8.50
N PRO A 133 2.84 17.38 -7.51
CA PRO A 133 2.01 16.72 -6.49
C PRO A 133 0.75 16.13 -7.09
N LEU A 134 0.18 15.17 -6.36
CA LEU A 134 -1.01 14.47 -6.82
C LEU A 134 -2.20 15.42 -6.85
N ASP A 135 -2.94 15.40 -7.97
CA ASP A 135 -4.17 16.18 -8.10
C ASP A 135 -5.33 15.30 -7.65
N TYR A 136 -5.50 15.24 -6.33
CA TYR A 136 -6.47 14.33 -5.72
C TYR A 136 -7.85 14.95 -5.69
N ASN A 137 -8.86 14.08 -5.66
CA ASN A 137 -10.25 14.48 -5.62
C ASN A 137 -10.81 14.34 -4.21
N MET A 138 -11.57 15.34 -3.77
CA MET A 138 -12.34 15.27 -2.54
C MET A 138 -13.79 14.97 -2.91
N GLY A 139 -14.02 13.73 -3.31
CA GLY A 139 -15.28 13.33 -3.89
C GLY A 139 -16.26 12.74 -2.88
N GLU A 140 -17.46 12.46 -3.38
CA GLU A 140 -18.53 11.83 -2.61
C GLU A 140 -18.83 12.57 -1.31
N LYS A 141 -18.73 11.87 -0.18
CA LYS A 141 -19.05 12.45 1.12
C LYS A 141 -17.82 12.69 1.98
N ASN A 142 -16.62 12.50 1.43
CA ASN A 142 -15.41 12.81 2.17
C ASN A 142 -15.32 14.31 2.45
N LYS A 143 -14.90 14.66 3.65
CA LYS A 143 -14.64 16.05 4.01
C LYS A 143 -13.25 16.16 4.63
N PRO A 144 -12.54 17.25 4.38
CA PRO A 144 -11.12 17.32 4.75
C PRO A 144 -10.90 17.40 6.25
N PHE A 145 -9.85 16.72 6.71
CA PHE A 145 -9.40 16.77 8.09
C PHE A 145 -7.91 17.11 8.11
N LYS A 146 -7.44 17.54 9.28
CA LYS A 146 -6.02 17.70 9.55
C LYS A 146 -5.57 16.66 10.56
N GLN A 147 -4.41 16.06 10.33
CA GLN A 147 -3.89 14.99 11.17
C GLN A 147 -3.27 15.62 12.42
N THR A 148 -4.11 15.93 13.39
CA THR A 148 -3.68 16.57 14.62
C THR A 148 -3.64 15.62 15.82
N SER A 149 -4.36 14.51 15.76
CA SER A 149 -4.47 13.64 16.93
C SER A 149 -3.17 12.90 17.25
N GLY A 150 -2.28 12.74 16.29
CA GLY A 150 -1.15 11.87 16.49
C GLY A 150 -1.48 10.39 16.42
N LYS A 151 -2.70 10.06 16.00
CA LYS A 151 -3.14 8.68 15.87
C LYS A 151 -2.98 8.20 14.44
N VAL A 152 -2.80 6.89 14.29
CA VAL A 152 -2.68 6.30 12.96
C VAL A 152 -4.05 6.26 12.31
N VAL A 153 -4.15 6.80 11.10
CA VAL A 153 -5.34 6.70 10.27
C VAL A 153 -4.89 6.06 8.97
N GLY A 154 -5.12 4.75 8.83
CA GLY A 154 -4.65 4.03 7.67
C GLY A 154 -5.75 3.45 6.81
N ALA A 155 -5.41 3.08 5.58
CA ALA A 155 -6.37 2.47 4.68
C ALA A 155 -5.61 1.68 3.62
N TYR A 156 -6.26 0.64 3.11
CA TYR A 156 -5.69 -0.20 2.07
C TYR A 156 -6.13 0.31 0.70
N PHE A 157 -5.16 0.43 -0.21
CA PHE A 157 -5.43 0.66 -1.62
C PHE A 157 -5.10 -0.62 -2.36
N VAL A 158 -6.09 -1.16 -3.08
CA VAL A 158 -5.92 -2.44 -3.76
C VAL A 158 -5.39 -2.21 -5.17
N GLU A 159 -4.43 -3.04 -5.56
CA GLU A 159 -3.79 -2.88 -6.87
C GLU A 159 -4.80 -3.03 -8.00
N TRP A 160 -5.74 -3.96 -7.87
CA TRP A 160 -6.72 -4.24 -8.90
C TRP A 160 -7.90 -3.27 -8.88
N GLY A 161 -7.82 -2.20 -8.08
CA GLY A 161 -8.93 -1.26 -7.98
C GLY A 161 -9.14 -0.37 -9.19
N VAL A 162 -8.14 -0.30 -10.10
CA VAL A 162 -8.25 0.55 -11.27
C VAL A 162 -9.04 -0.08 -12.40
N TYR A 163 -9.63 -1.26 -12.19
CA TYR A 163 -10.38 -1.93 -13.25
C TYR A 163 -11.87 -1.62 -13.02
N PRO A 164 -12.84 -2.55 -12.82
CA PRO A 164 -14.23 -2.09 -12.75
C PRO A 164 -14.54 -1.22 -11.55
N ARG A 165 -13.76 -1.32 -10.47
CA ARG A 165 -13.96 -0.42 -9.33
C ARG A 165 -13.70 1.03 -9.73
N LYS A 166 -12.77 1.26 -10.66
CA LYS A 166 -12.43 2.59 -11.15
C LYS A 166 -12.07 3.53 -10.01
N PHE A 167 -11.14 3.08 -9.17
CA PHE A 167 -10.66 3.83 -8.01
C PHE A 167 -9.15 3.98 -8.11
N PRO A 168 -8.66 4.87 -8.97
CA PRO A 168 -7.22 5.14 -9.02
C PRO A 168 -6.77 5.88 -7.76
N VAL A 169 -5.45 6.05 -7.66
CA VAL A 169 -4.86 6.66 -6.46
C VAL A 169 -5.36 8.09 -6.27
N ASP A 170 -5.66 8.80 -7.35
CA ASP A 170 -6.13 10.17 -7.23
C ASP A 170 -7.52 10.28 -6.62
N ARG A 171 -8.24 9.17 -6.46
CA ARG A 171 -9.50 9.18 -5.73
C ARG A 171 -9.32 9.07 -4.23
N VAL A 172 -8.14 8.69 -3.77
CA VAL A 172 -7.87 8.51 -2.34
C VAL A 172 -7.91 9.88 -1.66
N PRO A 173 -8.77 10.08 -0.66
CA PRO A 173 -8.76 11.34 0.09
C PRO A 173 -7.55 11.43 1.01
N ILE A 174 -6.45 11.94 0.48
CA ILE A 174 -5.14 11.85 1.11
C ILE A 174 -4.94 12.76 2.32
N PRO A 175 -5.65 13.88 2.51
CA PRO A 175 -5.47 14.63 3.76
C PRO A 175 -6.05 13.92 4.98
N ASN A 176 -6.86 12.89 4.80
CA ASN A 176 -7.52 12.20 5.90
C ASN A 176 -6.81 10.92 6.31
N LEU A 177 -5.55 10.76 5.92
CA LEU A 177 -4.80 9.54 6.22
C LEU A 177 -3.40 9.87 6.68
N THR A 178 -2.87 9.03 7.57
CA THR A 178 -1.45 9.03 7.89
C THR A 178 -0.73 7.84 7.26
N HIS A 179 -1.45 6.80 6.88
CA HIS A 179 -0.86 5.59 6.31
C HIS A 179 -1.71 5.11 5.14
N LEU A 180 -1.05 4.69 4.07
CA LEU A 180 -1.70 4.04 2.94
C LEU A 180 -0.98 2.73 2.67
N LEU A 181 -1.72 1.63 2.72
CA LEU A 181 -1.16 0.29 2.55
C LEU A 181 -1.52 -0.22 1.16
N TYR A 182 -0.51 -0.71 0.44
CA TYR A 182 -0.66 -1.17 -0.94
C TYR A 182 -0.85 -2.68 -0.95
N GLY A 183 -2.08 -3.12 -1.21
CA GLY A 183 -2.36 -4.54 -1.31
C GLY A 183 -2.55 -4.99 -2.74
N PHE A 184 -1.76 -5.96 -3.20
CA PHE A 184 -0.72 -6.58 -2.38
C PHE A 184 0.55 -6.78 -3.18
N ILE A 185 1.66 -6.99 -2.47
CA ILE A 185 2.94 -7.33 -3.09
C ILE A 185 3.11 -8.84 -2.97
N PRO A 186 3.18 -9.58 -4.09
CA PRO A 186 3.24 -11.03 -4.00
C PRO A 186 4.65 -11.55 -3.79
N ILE A 187 4.73 -12.75 -3.21
CA ILE A 187 5.95 -13.53 -3.14
C ILE A 187 5.82 -14.64 -4.17
N CYS A 188 6.90 -14.89 -4.91
CA CYS A 188 6.82 -15.65 -6.14
C CYS A 188 7.13 -17.13 -5.93
N GLY A 189 6.33 -17.97 -6.55
CA GLY A 189 6.52 -19.41 -6.48
C GLY A 189 5.38 -20.09 -7.21
N GLY A 190 5.66 -21.32 -7.66
CA GLY A 190 4.70 -22.05 -8.46
C GLY A 190 3.82 -23.00 -7.68
N ASP A 191 3.71 -24.24 -8.15
CA ASP A 191 2.85 -25.23 -7.51
C ASP A 191 3.41 -25.60 -6.14
N GLY A 192 2.56 -25.53 -5.12
CA GLY A 192 2.96 -25.77 -3.76
C GLY A 192 3.37 -24.53 -2.99
N ILE A 193 3.71 -23.45 -3.67
CA ILE A 193 4.19 -22.24 -3.01
C ILE A 193 3.09 -21.18 -2.95
N ASN A 194 2.23 -21.11 -3.95
CA ASN A 194 1.21 -20.08 -4.05
C ASN A 194 -0.10 -20.66 -4.55
N ASP A 195 -0.43 -21.88 -4.13
CA ASP A 195 -1.63 -22.54 -4.62
C ASP A 195 -2.91 -21.86 -4.16
N SER A 196 -2.84 -21.03 -3.12
CA SER A 196 -4.02 -20.26 -2.72
C SER A 196 -4.49 -19.34 -3.84
N LEU A 197 -3.59 -18.93 -4.72
CA LEU A 197 -3.97 -18.09 -5.85
C LEU A 197 -4.87 -18.84 -6.83
N LYS A 198 -4.72 -20.16 -6.92
CA LYS A 198 -5.45 -20.92 -7.92
C LYS A 198 -6.96 -20.90 -7.71
N GLU A 199 -7.41 -20.59 -6.49
CA GLU A 199 -8.83 -20.42 -6.24
C GLU A 199 -9.37 -19.10 -6.79
N ILE A 200 -8.51 -18.30 -7.41
CA ILE A 200 -8.92 -17.12 -8.17
C ILE A 200 -8.44 -17.31 -9.60
N GLU A 201 -9.37 -17.32 -10.56
CA GLU A 201 -9.02 -17.58 -11.94
C GLU A 201 -8.13 -16.46 -12.49
N GLY A 202 -7.05 -16.85 -13.17
CA GLY A 202 -6.15 -15.91 -13.78
C GLY A 202 -5.03 -15.43 -12.88
N SER A 203 -5.18 -15.56 -11.55
CA SER A 203 -4.23 -14.94 -10.63
C SER A 203 -2.93 -15.74 -10.52
N PHE A 204 -3.03 -17.05 -10.29
CA PHE A 204 -1.84 -17.88 -10.17
C PHE A 204 -0.99 -17.80 -11.43
N GLN A 205 -1.63 -17.91 -12.59
CA GLN A 205 -0.91 -17.81 -13.86
C GLN A 205 -0.33 -16.42 -14.06
N ALA A 206 -1.08 -15.39 -13.65
CA ALA A 206 -0.57 -14.02 -13.81
C ALA A 206 0.66 -13.78 -12.94
N LEU A 207 0.72 -14.41 -11.76
CA LEU A 207 1.91 -14.32 -10.95
C LEU A 207 3.08 -15.07 -11.60
N GLN A 208 2.79 -16.21 -12.24
CA GLN A 208 3.83 -16.92 -12.96
C GLN A 208 4.39 -16.07 -14.10
N ARG A 209 3.52 -15.39 -14.84
CA ARG A 209 3.98 -14.47 -15.88
C ARG A 209 4.83 -13.35 -15.30
N SER A 210 4.41 -12.80 -14.16
CA SER A 210 5.15 -11.72 -13.54
C SER A 210 6.54 -12.16 -13.10
N CYS A 211 6.72 -13.45 -12.83
CA CYS A 211 7.99 -13.96 -12.33
C CYS A 211 8.61 -14.99 -13.27
N SER A 212 8.36 -14.86 -14.57
CA SER A 212 9.06 -15.67 -15.55
C SER A 212 10.56 -15.40 -15.45
N GLY A 213 11.31 -16.39 -14.97
CA GLY A 213 12.74 -16.21 -14.79
C GLY A 213 13.15 -15.55 -13.50
N ARG A 214 12.26 -15.48 -12.51
CA ARG A 214 12.54 -14.85 -11.23
C ARG A 214 12.66 -15.91 -10.16
N GLU A 215 13.70 -15.80 -9.32
CA GLU A 215 13.92 -16.74 -8.23
C GLU A 215 12.69 -16.83 -7.34
N ASP A 216 12.39 -18.05 -6.88
CA ASP A 216 11.26 -18.24 -5.98
C ASP A 216 11.53 -17.57 -4.64
N PHE A 217 10.45 -17.15 -3.98
CA PHE A 217 10.48 -16.47 -2.69
C PHE A 217 11.11 -15.09 -2.76
N LYS A 218 11.27 -14.55 -3.96
CA LYS A 218 11.56 -13.14 -4.14
C LYS A 218 10.26 -12.36 -4.26
N VAL A 219 10.28 -11.10 -3.81
CA VAL A 219 9.12 -10.23 -3.96
C VAL A 219 8.94 -9.93 -5.44
N SER A 220 7.75 -9.43 -5.81
CA SER A 220 7.46 -9.11 -7.20
C SER A 220 6.27 -8.16 -7.23
N ILE A 221 5.75 -7.92 -8.44
CA ILE A 221 4.55 -7.12 -8.65
C ILE A 221 3.53 -8.00 -9.34
N HIS A 222 2.35 -8.14 -8.73
CA HIS A 222 1.35 -9.06 -9.26
C HIS A 222 0.84 -8.60 -10.62
N ASP A 223 0.50 -7.32 -10.76
CA ASP A 223 -0.06 -6.76 -11.99
C ASP A 223 0.83 -5.61 -12.45
N PRO A 224 1.82 -5.88 -13.32
CA PRO A 224 2.66 -4.78 -13.82
C PRO A 224 1.89 -3.75 -14.64
N TRP A 225 0.76 -4.13 -15.25
CA TRP A 225 -0.03 -3.17 -15.99
C TRP A 225 -0.64 -2.12 -15.07
N ALA A 226 -1.37 -2.57 -14.05
CA ALA A 226 -2.01 -1.64 -13.12
C ALA A 226 -0.98 -0.92 -12.27
N ALA A 227 0.18 -1.53 -12.02
CA ALA A 227 1.16 -0.94 -11.11
C ALA A 227 1.97 0.15 -11.79
N LEU A 228 2.37 -0.04 -13.04
CA LEU A 228 3.34 0.86 -13.66
C LEU A 228 3.02 1.30 -15.09
N GLN A 229 2.17 0.60 -15.82
CA GLN A 229 1.99 0.90 -17.24
C GLN A 229 0.64 1.49 -17.59
N LYS A 230 -0.41 1.21 -16.82
CA LYS A 230 -1.74 1.70 -17.17
C LYS A 230 -1.77 3.22 -17.08
N PRO A 231 -2.22 3.91 -18.13
CA PRO A 231 -2.28 5.37 -18.08
C PRO A 231 -3.25 5.86 -17.02
N GLN A 232 -2.81 6.83 -16.24
CA GLN A 232 -3.62 7.42 -15.19
C GLN A 232 -3.54 8.95 -15.28
N LYS A 233 -4.31 9.60 -14.41
CA LYS A 233 -4.38 11.06 -14.39
C LYS A 233 -3.00 11.68 -14.22
N GLY A 234 -2.61 12.53 -15.16
CA GLY A 234 -1.32 13.16 -15.15
C GLY A 234 -0.16 12.28 -15.62
N LEU A 235 -0.39 10.98 -15.78
CA LEU A 235 0.65 10.04 -16.22
C LEU A 235 0.10 9.24 -17.41
N SER A 236 -0.03 9.92 -18.55
CA SER A 236 -0.51 9.31 -19.78
C SER A 236 0.48 9.36 -20.93
N SER A 237 1.31 10.40 -20.99
CA SER A 237 2.30 10.53 -22.05
C SER A 237 3.16 9.28 -22.12
N TRP A 238 3.29 8.73 -23.32
CA TRP A 238 3.81 7.37 -23.49
C TRP A 238 5.30 7.24 -23.18
N ASN A 239 6.00 8.35 -22.93
CA ASN A 239 7.36 8.29 -22.41
C ASN A 239 7.43 8.73 -20.94
N GLU A 240 6.29 8.76 -20.26
CA GLU A 240 6.30 8.88 -18.81
C GLU A 240 6.95 7.64 -18.23
N PRO A 241 8.07 7.77 -17.50
CA PRO A 241 8.77 6.56 -17.03
C PRO A 241 7.92 5.70 -16.10
N TYR A 242 7.07 6.31 -15.28
CA TYR A 242 6.26 5.59 -14.30
C TYR A 242 4.81 6.00 -14.44
N LYS A 243 3.94 5.03 -14.66
CA LYS A 243 2.50 5.26 -14.68
C LYS A 243 1.81 4.33 -13.70
N GLY A 244 0.54 4.02 -13.95
CA GLY A 244 -0.18 3.09 -13.10
C GLY A 244 -0.30 3.58 -11.66
N ASN A 245 -0.46 2.61 -10.76
CA ASN A 245 -0.60 2.94 -9.34
C ASN A 245 0.69 3.52 -8.77
N PHE A 246 1.83 2.93 -9.13
CA PHE A 246 3.10 3.34 -8.53
C PHE A 246 3.43 4.78 -8.87
N GLY A 247 3.27 5.17 -10.13
CA GLY A 247 3.53 6.54 -10.52
C GLY A 247 2.64 7.53 -9.78
N GLN A 248 1.36 7.21 -9.64
CA GLN A 248 0.46 8.07 -8.88
C GLN A 248 0.87 8.12 -7.41
N LEU A 249 1.37 7.00 -6.88
CA LEU A 249 1.84 6.98 -5.50
C LEU A 249 3.06 7.87 -5.31
N MET A 250 3.90 8.01 -6.34
CA MET A 250 5.01 8.95 -6.27
C MET A 250 4.49 10.39 -6.21
N MET A 251 3.47 10.71 -7.01
CA MET A 251 2.87 12.03 -6.94
C MET A 251 2.15 12.25 -5.61
N LEU A 252 1.61 11.18 -5.03
CA LEU A 252 1.07 11.27 -3.68
C LEU A 252 2.15 11.66 -2.68
N LYS A 253 3.33 11.06 -2.80
CA LYS A 253 4.44 11.42 -1.93
C LYS A 253 4.81 12.89 -2.08
N GLN A 254 4.70 13.42 -3.30
CA GLN A 254 5.00 14.84 -3.51
C GLN A 254 3.92 15.73 -2.90
N ALA A 255 2.68 15.26 -2.84
CA ALA A 255 1.60 16.06 -2.28
C ALA A 255 1.71 16.13 -0.75
N LYS A 256 1.71 14.97 -0.10
CA LYS A 256 1.85 14.87 1.36
C LYS A 256 3.10 14.06 1.66
N PRO A 257 4.25 14.72 1.81
CA PRO A 257 5.50 13.96 1.98
C PRO A 257 5.57 13.13 3.25
N ASP A 258 4.73 13.40 4.25
CA ASP A 258 4.78 12.67 5.51
C ASP A 258 3.71 11.59 5.62
N LEU A 259 2.84 11.46 4.62
CA LEU A 259 1.95 10.31 4.56
C LEU A 259 2.78 9.04 4.31
N LYS A 260 2.60 8.05 5.15
CA LYS A 260 3.37 6.81 5.02
C LYS A 260 2.72 5.88 4.00
N ILE A 261 3.48 5.46 3.01
CA ILE A 261 3.02 4.51 2.00
C ILE A 261 3.80 3.22 2.20
N LEU A 262 3.10 2.15 2.54
CA LEU A 262 3.74 0.88 2.84
C LEU A 262 3.24 -0.22 1.92
N PRO A 263 4.14 -1.08 1.42
CA PRO A 263 3.70 -2.23 0.62
C PRO A 263 3.27 -3.37 1.52
N SER A 264 2.10 -3.92 1.23
CA SER A 264 1.54 -5.02 2.02
C SER A 264 1.88 -6.33 1.33
N ILE A 265 2.88 -7.03 1.85
CA ILE A 265 3.30 -8.31 1.29
C ILE A 265 2.43 -9.40 1.88
N GLY A 266 1.62 -10.03 1.03
CA GLY A 266 0.77 -11.12 1.47
C GLY A 266 -0.71 -10.89 1.20
N GLY A 267 -1.51 -10.96 2.25
CA GLY A 267 -2.95 -10.98 2.11
C GLY A 267 -3.50 -12.38 2.32
N TRP A 268 -4.77 -12.53 1.97
CA TRP A 268 -5.41 -13.83 2.15
C TRP A 268 -4.86 -14.87 1.18
N THR A 269 -4.76 -14.51 -0.10
CA THR A 269 -4.38 -15.47 -1.13
C THR A 269 -2.91 -15.44 -1.49
N LEU A 270 -2.10 -14.62 -0.80
CA LEU A 270 -0.67 -14.52 -1.09
C LEU A 270 0.20 -14.83 0.12
N ALA A 271 -0.37 -15.41 1.18
CA ALA A 271 0.38 -15.66 2.41
C ALA A 271 1.09 -17.01 2.41
N ASP A 272 0.75 -17.90 1.48
CA ASP A 272 1.34 -19.24 1.47
C ASP A 272 2.87 -19.27 1.47
N PRO A 273 3.59 -18.44 0.70
CA PRO A 273 5.06 -18.52 0.72
C PRO A 273 5.66 -18.21 2.08
N PHE A 274 4.93 -17.57 2.99
CA PHE A 274 5.48 -17.25 4.31
C PHE A 274 5.77 -18.51 5.11
N PHE A 275 5.01 -19.59 4.89
CA PHE A 275 5.15 -20.79 5.70
C PHE A 275 6.45 -21.54 5.44
N PHE A 276 7.03 -21.38 4.26
CA PHE A 276 8.30 -22.02 3.94
C PHE A 276 9.50 -21.31 4.54
N PHE A 277 9.28 -20.26 5.33
CA PHE A 277 10.39 -19.50 5.88
C PHE A 277 11.05 -20.19 7.07
N THR A 278 10.66 -21.43 7.37
CA THR A 278 11.48 -22.27 8.24
C THR A 278 12.89 -22.37 7.69
N ASP A 279 13.01 -22.53 6.38
CA ASP A 279 14.29 -22.49 5.68
C ASP A 279 14.82 -21.06 5.71
N GLU A 280 15.90 -20.83 6.46
CA GLU A 280 16.47 -19.49 6.56
C GLU A 280 17.04 -19.03 5.24
N THR A 281 17.50 -19.96 4.40
CA THR A 281 18.01 -19.61 3.08
C THR A 281 16.96 -18.85 2.26
N LYS A 282 15.71 -19.30 2.32
CA LYS A 282 14.64 -18.60 1.62
C LYS A 282 14.21 -17.34 2.35
N ARG A 283 14.42 -17.28 3.66
CA ARG A 283 14.09 -16.06 4.40
C ARG A 283 15.08 -14.95 4.07
N ARG A 284 16.38 -15.28 3.99
CA ARG A 284 17.36 -14.28 3.58
C ARG A 284 17.07 -13.77 2.18
N ARG A 285 16.68 -14.67 1.27
CA ARG A 285 16.37 -14.26 -0.10
C ARG A 285 15.18 -13.32 -0.15
N PHE A 286 14.14 -13.62 0.65
CA PHE A 286 12.97 -12.73 0.71
C PHE A 286 13.35 -11.39 1.31
N VAL A 287 14.03 -11.40 2.46
CA VAL A 287 14.42 -10.16 3.13
C VAL A 287 15.33 -9.34 2.23
N ALA A 288 16.24 -9.99 1.52
CA ALA A 288 17.13 -9.27 0.62
C ALA A 288 16.38 -8.68 -0.57
N SER A 289 15.40 -9.43 -1.10
CA SER A 289 14.60 -8.92 -2.20
C SER A 289 13.78 -7.71 -1.78
N VAL A 290 13.37 -7.66 -0.51
CA VAL A 290 12.63 -6.50 -0.01
C VAL A 290 13.52 -5.27 0.00
N LYS A 291 14.78 -5.42 0.43
CA LYS A 291 15.72 -4.30 0.40
C LYS A 291 15.89 -3.77 -1.01
N ASP A 292 16.12 -4.66 -1.97
CA ASP A 292 16.22 -4.24 -3.36
C ASP A 292 14.89 -3.68 -3.87
N PHE A 293 13.78 -4.13 -3.30
CA PHE A 293 12.47 -3.62 -3.71
C PHE A 293 12.29 -2.17 -3.29
N LEU A 294 12.73 -1.82 -2.08
CA LEU A 294 12.55 -0.45 -1.58
C LEU A 294 13.55 0.50 -2.23
N GLN A 295 14.78 0.05 -2.49
CA GLN A 295 15.71 0.86 -3.25
C GLN A 295 15.21 1.11 -4.66
N THR A 296 14.52 0.13 -5.24
CA THR A 296 13.97 0.29 -6.58
C THR A 296 12.78 1.25 -6.56
N TRP A 297 11.87 1.08 -5.60
CA TRP A 297 10.66 1.88 -5.48
C TRP A 297 10.79 2.72 -4.22
N LYS A 298 11.38 3.92 -4.36
CA LYS A 298 11.76 4.74 -3.23
C LYS A 298 10.59 5.43 -2.55
N PHE A 299 9.41 5.44 -3.16
CA PHE A 299 8.27 6.12 -2.54
C PHE A 299 7.70 5.35 -1.37
N PHE A 300 8.03 4.07 -1.23
CA PHE A 300 7.60 3.29 -0.08
C PHE A 300 8.41 3.67 1.15
N ASP A 301 7.74 3.67 2.30
CA ASP A 301 8.31 4.17 3.54
C ASP A 301 8.64 3.05 4.54
N GLY A 302 8.70 1.82 4.07
CA GLY A 302 8.92 0.69 4.93
C GLY A 302 8.30 -0.56 4.33
N VAL A 303 7.87 -1.47 5.20
CA VAL A 303 7.31 -2.76 4.79
C VAL A 303 6.18 -3.14 5.75
N ASP A 304 5.08 -3.64 5.17
CA ASP A 304 3.99 -4.22 5.94
C ASP A 304 3.89 -5.70 5.58
N ILE A 305 3.96 -6.57 6.59
CA ILE A 305 3.97 -8.01 6.39
C ILE A 305 2.59 -8.55 6.76
N ASP A 306 1.88 -9.11 5.77
CA ASP A 306 0.54 -9.61 6.01
C ASP A 306 0.51 -11.14 5.94
N TRP A 307 1.34 -11.78 6.75
CA TRP A 307 1.33 -13.24 6.89
C TRP A 307 0.01 -13.66 7.53
N GLU A 308 -0.80 -14.42 6.79
CA GLU A 308 -2.14 -14.80 7.24
C GLU A 308 -2.30 -16.31 7.12
N PHE A 309 -2.07 -17.05 8.21
CA PHE A 309 -1.55 -16.49 9.46
C PHE A 309 -0.46 -17.43 9.94
N PRO A 310 0.39 -16.96 10.85
CA PRO A 310 1.31 -17.89 11.54
C PRO A 310 0.53 -18.99 12.24
N GLY A 311 1.01 -20.22 12.08
CA GLY A 311 0.32 -21.39 12.61
C GLY A 311 -0.76 -21.96 11.70
N GLY A 312 -1.13 -21.26 10.66
CA GLY A 312 -2.11 -21.74 9.70
C GLY A 312 -3.46 -21.07 9.86
N LYS A 313 -4.49 -21.81 9.44
CA LYS A 313 -5.88 -21.36 9.47
C LYS A 313 -6.10 -20.13 8.59
N GLY A 314 -5.34 -20.03 7.50
CA GLY A 314 -5.50 -18.98 6.51
C GLY A 314 -6.33 -19.47 5.34
N ALA A 315 -5.88 -19.11 4.13
CA ALA A 315 -6.59 -19.57 2.93
C ALA A 315 -6.30 -21.04 2.65
N ASN A 316 -5.03 -21.45 2.78
CA ASN A 316 -4.63 -22.81 2.46
C ASN A 316 -4.74 -23.69 3.70
N PRO A 317 -5.59 -24.69 3.72
CA PRO A 317 -5.77 -25.52 4.93
C PRO A 317 -4.63 -26.50 5.19
N ASN A 318 -3.61 -26.55 4.34
CA ASN A 318 -2.57 -27.58 4.45
C ASN A 318 -1.24 -27.06 4.97
N LEU A 319 -1.12 -25.76 5.23
CA LEU A 319 0.08 -25.21 5.82
C LEU A 319 -0.23 -24.59 7.17
N GLY A 320 0.82 -24.39 7.96
CA GLY A 320 0.70 -23.93 9.33
C GLY A 320 1.47 -24.86 10.23
N SER A 321 2.08 -24.28 11.27
CA SER A 321 2.85 -25.05 12.23
C SER A 321 3.01 -24.21 13.49
N PRO A 322 3.05 -24.83 14.66
CA PRO A 322 3.33 -24.06 15.88
C PRO A 322 4.68 -23.36 15.85
N LYS A 323 5.61 -23.84 15.03
CA LYS A 323 6.91 -23.19 14.87
C LYS A 323 6.80 -21.85 14.18
N ASP A 324 5.70 -21.58 13.48
CA ASP A 324 5.57 -20.35 12.69
C ASP A 324 5.69 -19.10 13.57
N GLY A 325 5.31 -19.21 14.84
CA GLY A 325 5.43 -18.06 15.73
C GLY A 325 6.87 -17.63 15.93
N GLU A 326 7.77 -18.60 16.10
CA GLU A 326 9.19 -18.27 16.25
C GLU A 326 9.75 -17.62 14.99
N ILE A 327 9.36 -18.13 13.83
CA ILE A 327 9.89 -17.62 12.57
C ILE A 327 9.28 -16.28 12.22
N TYR A 328 8.04 -16.04 12.65
CA TYR A 328 7.44 -14.72 12.49
C TYR A 328 8.24 -13.66 13.22
N VAL A 329 8.82 -14.01 14.37
CA VAL A 329 9.68 -13.07 15.09
C VAL A 329 11.04 -12.96 14.41
N LEU A 330 11.57 -14.07 13.91
CA LEU A 330 12.82 -14.03 13.17
C LEU A 330 12.69 -13.16 11.92
N LEU A 331 11.56 -13.28 11.21
CA LEU A 331 11.34 -12.46 10.04
C LEU A 331 11.32 -10.97 10.39
N MET A 332 10.64 -10.61 11.48
CA MET A 332 10.58 -9.21 11.90
C MET A 332 11.96 -8.71 12.32
N LYS A 333 12.76 -9.57 12.95
CA LYS A 333 14.09 -9.16 13.39
C LYS A 333 15.00 -8.85 12.20
N GLU A 334 15.07 -9.76 11.24
CA GLU A 334 15.96 -9.56 10.10
C GLU A 334 15.47 -8.44 9.19
N LEU A 335 14.15 -8.33 9.01
CA LEU A 335 13.61 -7.22 8.23
C LEU A 335 13.96 -5.88 8.87
N ARG A 336 13.92 -5.81 10.20
CA ARG A 336 14.28 -4.58 10.89
C ARG A 336 15.77 -4.28 10.72
N GLU A 337 16.62 -5.30 10.85
CA GLU A 337 18.05 -5.11 10.60
C GLU A 337 18.29 -4.68 9.16
N MET A 338 17.53 -5.27 8.22
CA MET A 338 17.63 -4.85 6.82
C MET A 338 17.24 -3.39 6.66
N LEU A 339 16.13 -2.99 7.28
CA LEU A 339 15.69 -1.59 7.19
C LEU A 339 16.69 -0.66 7.84
N ASN A 340 17.40 -1.13 8.88
CA ASN A 340 18.35 -0.27 9.56
C ASN A 340 19.57 0.01 8.69
N GLU A 341 20.05 -0.99 7.95
CA GLU A 341 21.14 -0.74 7.01
C GLU A 341 20.64 -0.05 5.75
N LEU A 342 19.36 -0.18 5.41
CA LEU A 342 18.78 0.67 4.39
C LEU A 342 18.73 2.12 4.85
N SER A 343 18.46 2.33 6.15
CA SER A 343 18.50 3.68 6.70
C SER A 343 19.92 4.24 6.66
N ALA A 344 20.92 3.39 6.84
CA ALA A 344 22.30 3.85 6.82
C ALA A 344 22.72 4.36 5.46
N GLU A 345 22.14 3.80 4.39
CA GLU A 345 22.47 4.26 3.04
C GLU A 345 21.72 5.54 2.68
N THR A 346 20.40 5.56 2.93
CA THR A 346 19.54 6.61 2.43
C THR A 346 19.24 7.70 3.45
N GLY A 347 19.51 7.47 4.73
CA GLY A 347 19.22 8.44 5.76
C GLY A 347 17.75 8.61 6.09
N ARG A 348 16.86 7.83 5.49
CA ARG A 348 15.44 7.92 5.76
C ARG A 348 15.07 7.03 6.95
N LYS A 349 13.86 7.24 7.47
CA LYS A 349 13.31 6.42 8.53
C LYS A 349 12.25 5.50 7.92
N TYR A 350 12.47 4.19 8.03
CA TYR A 350 11.55 3.20 7.50
C TYR A 350 10.74 2.58 8.63
N GLU A 351 9.54 2.13 8.29
CA GLU A 351 8.61 1.58 9.27
C GLU A 351 8.37 0.10 8.98
N LEU A 352 8.25 -0.69 10.04
CA LEU A 352 7.99 -2.12 9.95
C LEU A 352 6.66 -2.39 10.64
N THR A 353 5.66 -2.80 9.86
CA THR A 353 4.33 -3.09 10.39
C THR A 353 3.89 -4.48 9.93
N SER A 354 2.75 -4.92 10.45
CA SER A 354 2.20 -6.21 10.07
C SER A 354 0.71 -6.23 10.35
N ALA A 355 -0.05 -6.83 9.45
CA ALA A 355 -1.47 -7.08 9.65
C ALA A 355 -1.63 -8.48 10.23
N ILE A 356 -2.16 -8.55 11.45
CA ILE A 356 -2.27 -9.80 12.17
C ILE A 356 -3.73 -10.08 12.48
N SER A 357 -4.04 -11.34 12.77
CA SER A 357 -5.40 -11.75 13.06
C SER A 357 -5.85 -11.22 14.42
N ALA A 358 -7.15 -11.01 14.55
CA ALA A 358 -7.75 -10.58 15.80
C ALA A 358 -8.31 -11.75 16.60
N GLY A 359 -8.28 -12.96 16.05
CA GLY A 359 -8.74 -14.13 16.80
C GLY A 359 -7.65 -14.61 17.75
N TRP A 360 -8.05 -14.91 18.99
CA TRP A 360 -7.08 -15.30 20.01
C TRP A 360 -6.32 -16.57 19.62
N ASP A 361 -7.01 -17.51 18.97
CA ASP A 361 -6.36 -18.76 18.59
C ASP A 361 -5.24 -18.53 17.58
N LYS A 362 -5.24 -17.40 16.88
CA LYS A 362 -4.13 -17.04 16.01
C LYS A 362 -3.10 -16.17 16.73
N ILE A 363 -3.54 -15.34 17.67
CA ILE A 363 -2.62 -14.45 18.38
C ILE A 363 -1.65 -15.27 19.22
N GLN A 364 -2.16 -16.27 19.93
CA GLN A 364 -1.32 -17.07 20.82
C GLN A 364 -0.24 -17.84 20.07
N VAL A 365 -0.37 -17.99 18.76
CA VAL A 365 0.66 -18.67 17.98
C VAL A 365 1.96 -17.87 18.02
N VAL A 366 1.87 -16.57 18.20
CA VAL A 366 3.03 -15.67 18.14
C VAL A 366 3.17 -14.96 19.48
N ASP A 367 4.40 -14.82 19.95
CA ASP A 367 4.71 -13.96 21.10
C ASP A 367 4.97 -12.57 20.55
N TYR A 368 3.92 -11.74 20.52
CA TYR A 368 4.04 -10.42 19.93
C TYR A 368 4.85 -9.46 20.80
N SER A 369 5.02 -9.78 22.09
CA SER A 369 5.94 -9.00 22.92
C SER A 369 7.38 -9.17 22.47
N ALA A 370 7.70 -10.26 21.76
CA ALA A 370 9.04 -10.44 21.23
C ALA A 370 9.21 -9.75 19.88
N ALA A 371 8.16 -9.77 19.05
CA ALA A 371 8.28 -9.17 17.72
C ALA A 371 8.14 -7.66 17.78
N GLN A 372 7.45 -7.12 18.78
CA GLN A 372 7.07 -5.71 18.78
C GLN A 372 8.26 -4.77 18.88
N LYS A 373 9.41 -5.24 19.37
CA LYS A 373 10.56 -4.35 19.48
C LYS A 373 11.07 -3.91 18.13
N TYR A 374 10.80 -4.67 17.06
CA TYR A 374 11.20 -4.29 15.72
C TYR A 374 10.10 -3.57 14.95
N MET A 375 8.86 -3.60 15.43
CA MET A 375 7.71 -3.15 14.67
C MET A 375 7.24 -1.77 15.13
N ASP A 376 6.83 -0.95 14.18
CA ASP A 376 6.28 0.36 14.50
C ASP A 376 4.80 0.28 14.85
N HIS A 377 4.03 -0.48 14.07
CA HIS A 377 2.59 -0.59 14.26
C HIS A 377 2.14 -2.02 14.00
N ILE A 378 1.07 -2.42 14.69
CA ILE A 378 0.38 -3.68 14.44
C ILE A 378 -1.01 -3.34 13.92
N PHE A 379 -1.32 -3.81 12.72
CA PHE A 379 -2.62 -3.55 12.10
C PHE A 379 -3.57 -4.67 12.50
N PHE A 380 -4.31 -4.41 13.58
CA PHE A 380 -5.18 -5.41 14.20
C PHE A 380 -6.45 -5.56 13.35
N MET A 381 -6.56 -6.68 12.65
CA MET A 381 -7.68 -6.91 11.72
C MET A 381 -8.91 -7.34 12.51
N SER A 382 -9.55 -6.35 13.13
CA SER A 382 -10.79 -6.59 13.88
C SER A 382 -11.99 -6.57 12.94
N TYR A 383 -11.90 -7.41 11.91
CA TYR A 383 -13.01 -7.66 11.00
C TYR A 383 -12.93 -9.10 10.53
N ASP A 384 -13.86 -9.49 9.66
CA ASP A 384 -13.98 -10.85 9.16
C ASP A 384 -14.23 -11.87 10.27
N PHE A 385 -14.76 -11.43 11.42
CA PHE A 385 -15.08 -12.36 12.49
C PHE A 385 -16.11 -13.39 12.05
N LYS A 386 -17.05 -12.98 11.21
CA LYS A 386 -18.04 -13.87 10.63
C LYS A 386 -18.13 -13.60 9.13
N GLY A 387 -18.68 -14.57 8.40
CA GLY A 387 -18.77 -14.40 6.96
C GLY A 387 -19.58 -15.52 6.33
N ALA A 388 -19.80 -15.37 5.02
CA ALA A 388 -20.59 -16.32 4.24
C ALA A 388 -19.90 -17.65 4.05
N TRP A 389 -18.67 -17.83 4.54
CA TRP A 389 -18.03 -19.13 4.52
C TRP A 389 -18.72 -20.14 5.43
N SER A 390 -19.74 -19.71 6.18
CA SER A 390 -20.52 -20.59 7.04
C SER A 390 -21.98 -20.24 6.89
N ASN A 391 -22.82 -21.26 6.68
CA ASN A 391 -24.27 -21.05 6.64
C ASN A 391 -24.89 -20.97 8.03
N ASP A 392 -24.19 -21.48 9.05
CA ASP A 392 -24.74 -21.66 10.38
C ASP A 392 -24.27 -20.64 11.41
N THR A 393 -23.00 -20.23 11.34
CA THR A 393 -22.42 -19.37 12.37
C THR A 393 -22.56 -17.91 11.92
N LEU A 394 -23.72 -17.33 12.21
CA LEU A 394 -23.98 -15.94 11.91
C LEU A 394 -23.64 -15.06 13.10
N GLY A 395 -23.16 -13.86 12.81
CA GLY A 395 -22.79 -12.93 13.86
C GLY A 395 -22.22 -11.67 13.28
N HIS A 396 -21.74 -10.80 14.17
CA HIS A 396 -21.15 -9.53 13.77
C HIS A 396 -19.73 -9.77 13.26
N GLN A 397 -19.41 -9.18 12.10
CA GLN A 397 -18.12 -9.40 11.48
C GLN A 397 -17.02 -8.52 12.08
N ALA A 398 -17.38 -7.45 12.80
CA ALA A 398 -16.37 -6.50 13.26
C ALA A 398 -16.83 -5.71 14.48
N SER A 399 -17.73 -6.26 15.29
CA SER A 399 -18.27 -5.53 16.42
C SER A 399 -17.19 -5.23 17.45
N LEU A 400 -17.48 -4.24 18.31
CA LEU A 400 -16.55 -3.88 19.38
C LEU A 400 -16.60 -4.88 20.52
N TYR A 401 -17.80 -5.21 20.98
CA TYR A 401 -18.01 -6.19 22.04
C TYR A 401 -18.89 -7.32 21.53
N ALA A 402 -19.24 -8.22 22.45
CA ALA A 402 -20.10 -9.35 22.10
C ALA A 402 -21.57 -8.94 22.20
N PRO A 403 -22.44 -9.57 21.43
CA PRO A 403 -23.87 -9.28 21.54
C PRO A 403 -24.48 -9.99 22.75
N ASP A 404 -25.63 -9.47 23.18
CA ASP A 404 -26.30 -10.05 24.34
C ASP A 404 -26.78 -11.46 24.08
N TRP A 405 -27.18 -11.77 22.84
CA TRP A 405 -27.64 -13.11 22.51
C TRP A 405 -26.51 -14.12 22.49
N ASN A 406 -25.26 -13.68 22.65
CA ASN A 406 -24.12 -14.58 22.78
C ASN A 406 -22.97 -13.82 23.45
N GLU A 407 -23.08 -13.62 24.76
CA GLU A 407 -22.13 -12.74 25.46
C GLU A 407 -20.72 -13.32 25.48
N LYS A 408 -20.59 -14.64 25.43
CA LYS A 408 -19.28 -15.27 25.46
C LYS A 408 -18.62 -15.34 24.09
N GLU A 409 -19.11 -14.57 23.12
CA GLU A 409 -18.47 -14.52 21.81
C GLU A 409 -17.06 -14.00 21.94
N THR A 410 -16.11 -14.77 21.43
CA THR A 410 -14.70 -14.47 21.59
C THR A 410 -14.10 -13.72 20.41
N TYR A 411 -14.79 -13.67 19.27
CA TYR A 411 -14.29 -12.98 18.09
C TYR A 411 -14.90 -11.57 18.04
N THR A 412 -14.39 -10.72 18.92
CA THR A 412 -14.76 -9.32 18.97
C THR A 412 -13.51 -8.46 19.02
N THR A 413 -13.68 -7.17 18.72
CA THR A 413 -12.55 -6.24 18.78
C THR A 413 -11.98 -6.16 20.18
N ASP A 414 -12.86 -5.98 21.18
CA ASP A 414 -12.39 -5.82 22.55
C ASP A 414 -11.69 -7.06 23.08
N PHE A 415 -12.27 -8.25 22.82
CA PHE A 415 -11.64 -9.47 23.29
C PHE A 415 -10.27 -9.68 22.65
N GLY A 416 -10.15 -9.38 21.35
CA GLY A 416 -8.86 -9.52 20.69
C GLY A 416 -7.83 -8.54 21.20
N VAL A 417 -8.25 -7.29 21.45
CA VAL A 417 -7.32 -6.28 21.94
C VAL A 417 -6.83 -6.64 23.34
N GLN A 418 -7.74 -7.09 24.20
CA GLN A 418 -7.34 -7.49 25.55
C GLN A 418 -6.43 -8.71 25.52
N PHE A 419 -6.74 -9.69 24.67
CA PHE A 419 -5.89 -10.86 24.54
C PHE A 419 -4.49 -10.48 24.09
N LEU A 420 -4.38 -9.53 23.16
CA LEU A 420 -3.07 -9.10 22.68
C LEU A 420 -2.35 -8.27 23.74
N LEU A 421 -3.07 -7.43 24.47
CA LEU A 421 -2.45 -6.65 25.53
C LEU A 421 -1.92 -7.55 26.64
N ALA A 422 -2.61 -8.66 26.91
CA ALA A 422 -2.17 -9.60 27.94
C ALA A 422 -0.81 -10.20 27.62
N GLN A 423 -0.44 -10.26 26.33
CA GLN A 423 0.88 -10.74 25.96
C GLN A 423 1.99 -9.76 26.32
N GLY A 424 1.65 -8.55 26.73
CA GLY A 424 2.63 -7.52 27.01
C GLY A 424 2.86 -6.54 25.89
N VAL A 425 1.96 -6.46 24.91
CA VAL A 425 2.10 -5.53 23.80
C VAL A 425 1.73 -4.14 24.30
N SER A 426 2.58 -3.16 23.99
CA SER A 426 2.28 -1.79 24.36
C SER A 426 1.03 -1.32 23.64
N PRO A 427 0.11 -0.63 24.34
CA PRO A 427 -1.13 -0.21 23.69
C PRO A 427 -0.92 0.71 22.51
N LYS A 428 0.17 1.48 22.50
CA LYS A 428 0.38 2.46 21.43
C LYS A 428 0.59 1.80 20.07
N LYS A 429 1.17 0.59 20.05
CA LYS A 429 1.46 -0.06 18.78
C LYS A 429 0.22 -0.65 18.11
N ILE A 430 -0.88 -0.81 18.85
CA ILE A 430 -2.06 -1.50 18.32
C ILE A 430 -2.91 -0.51 17.54
N VAL A 431 -3.27 -0.88 16.31
CA VAL A 431 -4.13 -0.09 15.44
C VAL A 431 -5.35 -0.94 15.10
N VAL A 432 -6.53 -0.44 15.46
CA VAL A 432 -7.76 -1.22 15.34
C VAL A 432 -8.30 -1.14 13.93
N GLY A 433 -8.85 -2.25 13.43
CA GLY A 433 -9.33 -2.33 12.07
C GLY A 433 -10.80 -1.96 11.95
N VAL A 434 -11.12 -1.29 10.83
CA VAL A 434 -12.48 -0.90 10.50
C VAL A 434 -12.83 -1.51 9.15
N ALA A 435 -14.06 -1.99 9.01
CA ALA A 435 -14.52 -2.64 7.80
C ALA A 435 -15.32 -1.64 6.96
N MET A 436 -14.75 -1.22 5.83
CA MET A 436 -15.48 -0.44 4.85
C MET A 436 -16.34 -1.29 3.93
N TYR A 437 -16.62 -2.52 4.34
CA TYR A 437 -17.37 -3.48 3.54
C TYR A 437 -18.30 -4.26 4.44
N GLY A 438 -19.26 -4.93 3.82
CA GLY A 438 -20.19 -5.81 4.51
C GLY A 438 -20.00 -7.25 4.05
N ARG A 439 -20.04 -8.17 5.01
CA ARG A 439 -20.16 -9.59 4.73
C ARG A 439 -21.57 -10.03 5.10
N GLY A 440 -22.17 -10.85 4.25
CA GLY A 440 -23.58 -11.13 4.43
C GLY A 440 -24.00 -12.50 3.93
N TRP A 441 -25.27 -12.81 4.20
CA TRP A 441 -25.89 -14.07 3.83
C TRP A 441 -27.25 -13.81 3.20
N THR A 442 -27.77 -14.82 2.51
CA THR A 442 -29.12 -14.78 1.97
C THR A 442 -29.92 -15.95 2.52
N GLY A 443 -31.24 -15.82 2.45
CA GLY A 443 -32.13 -16.89 2.91
C GLY A 443 -31.96 -17.23 4.37
N VAL A 444 -31.73 -16.23 5.22
CA VAL A 444 -31.64 -16.46 6.66
C VAL A 444 -33.03 -16.85 7.17
N HIS A 445 -33.14 -18.05 7.72
CA HIS A 445 -34.42 -18.59 8.16
C HIS A 445 -34.26 -19.24 9.53
N GLY A 446 -35.39 -19.56 10.14
CA GLY A 446 -35.38 -20.26 11.41
C GLY A 446 -34.91 -19.45 12.59
N TYR A 447 -34.97 -18.13 12.52
CA TYR A 447 -34.54 -17.28 13.61
C TYR A 447 -35.70 -16.97 14.55
N LYS A 448 -35.36 -16.75 15.82
CA LYS A 448 -36.33 -16.40 16.84
C LYS A 448 -36.01 -15.02 17.40
N ASP A 449 -36.93 -14.52 18.22
CA ASP A 449 -36.79 -13.23 18.92
C ASP A 449 -36.55 -12.07 17.97
N ASN A 450 -36.93 -12.23 16.70
CA ASN A 450 -36.67 -11.23 15.66
C ASN A 450 -35.17 -10.90 15.59
N ASN A 451 -34.34 -11.91 15.84
CA ASN A 451 -32.88 -11.79 15.74
C ASN A 451 -32.42 -12.68 14.59
N PRO A 452 -32.14 -12.11 13.41
CA PRO A 452 -31.78 -12.96 12.26
C PRO A 452 -30.50 -13.76 12.46
N PHE A 453 -29.63 -13.34 13.37
CA PHE A 453 -28.37 -14.06 13.58
C PHE A 453 -28.57 -15.43 14.20
N THR A 454 -29.70 -15.66 14.86
CA THR A 454 -29.96 -16.95 15.50
C THR A 454 -30.36 -18.04 14.50
N GLY A 455 -30.58 -17.70 13.24
CA GLY A 455 -30.99 -18.66 12.24
C GLY A 455 -29.82 -19.16 11.41
N ASN A 456 -30.17 -19.82 10.31
CA ASN A 456 -29.20 -20.32 9.34
C ASN A 456 -29.47 -19.70 7.98
N ALA A 457 -28.46 -19.74 7.12
CA ALA A 457 -28.53 -19.14 5.80
C ALA A 457 -28.51 -20.22 4.73
N THR A 458 -29.03 -19.87 3.55
CA THR A 458 -28.97 -20.74 2.38
C THR A 458 -27.77 -20.45 1.48
N GLY A 459 -27.06 -19.34 1.72
CA GLY A 459 -25.90 -19.01 0.93
C GLY A 459 -25.45 -17.58 1.15
N PRO A 460 -24.46 -17.13 0.37
CA PRO A 460 -23.99 -15.76 0.51
C PRO A 460 -24.95 -14.76 -0.09
N VAL A 461 -24.88 -13.53 0.40
CA VAL A 461 -25.67 -12.44 -0.16
C VAL A 461 -25.05 -12.00 -1.49
N LYS A 462 -25.90 -11.51 -2.39
CA LYS A 462 -25.41 -10.92 -3.63
C LYS A 462 -24.56 -9.69 -3.29
N GLY A 463 -23.33 -9.67 -3.81
CA GLY A 463 -22.36 -8.65 -3.48
C GLY A 463 -22.01 -7.75 -4.64
N THR A 464 -21.18 -6.75 -4.33
CA THR A 464 -20.79 -5.75 -5.32
C THR A 464 -19.86 -6.34 -6.37
N TRP A 465 -18.75 -6.94 -5.94
CA TRP A 465 -17.79 -7.55 -6.84
C TRP A 465 -17.60 -9.04 -6.58
N GLN A 466 -18.31 -9.60 -5.61
CA GLN A 466 -18.04 -10.94 -5.11
C GLN A 466 -19.24 -11.41 -4.32
N ASP A 467 -19.46 -12.72 -4.32
CA ASP A 467 -20.50 -13.30 -3.48
C ASP A 467 -20.17 -13.06 -2.01
N GLY A 468 -21.15 -12.52 -1.28
CA GLY A 468 -21.04 -12.38 0.15
C GLY A 468 -20.27 -11.17 0.64
N VAL A 469 -19.81 -10.29 -0.24
CA VAL A 469 -19.08 -9.08 0.14
C VAL A 469 -19.72 -7.89 -0.53
N VAL A 470 -20.08 -6.87 0.25
CA VAL A 470 -20.74 -5.67 -0.25
C VAL A 470 -19.92 -4.46 0.15
N ASP A 471 -19.77 -3.51 -0.77
CA ASP A 471 -19.16 -2.23 -0.44
C ASP A 471 -20.07 -1.44 0.48
N TYR A 472 -19.48 -0.70 1.42
CA TYR A 472 -20.29 0.16 2.28
C TYR A 472 -21.02 1.21 1.46
N ARG A 473 -20.37 1.74 0.42
CA ARG A 473 -21.01 2.70 -0.47
C ARG A 473 -22.34 2.17 -0.98
N GLU A 474 -22.39 0.89 -1.33
CA GLU A 474 -23.64 0.28 -1.78
C GLU A 474 -24.62 0.11 -0.63
N ILE A 475 -24.12 -0.29 0.55
CA ILE A 475 -25.00 -0.43 1.72
C ILE A 475 -25.66 0.90 2.04
N ALA A 476 -24.89 1.98 2.04
CA ALA A 476 -25.44 3.29 2.37
C ALA A 476 -26.46 3.74 1.33
N THR A 477 -26.13 3.56 0.04
CA THR A 477 -27.04 3.98 -1.02
C THR A 477 -28.38 3.26 -0.93
N GLU A 478 -28.34 1.93 -0.76
CA GLU A 478 -29.57 1.16 -0.72
C GLU A 478 -30.38 1.45 0.54
N ILE A 479 -29.73 1.84 1.64
CA ILE A 479 -30.45 2.22 2.84
C ILE A 479 -31.24 3.50 2.60
N ALA A 480 -30.63 4.49 1.95
CA ALA A 480 -31.34 5.73 1.63
C ALA A 480 -32.54 5.48 0.73
N GLN A 481 -32.46 4.47 -0.13
CA GLN A 481 -33.54 4.11 -1.04
C GLN A 481 -34.54 3.16 -0.40
N GLY A 482 -34.50 2.97 0.92
CA GLY A 482 -35.46 2.15 1.63
C GLY A 482 -35.39 0.68 1.33
N LYS A 483 -34.32 0.19 0.72
CA LYS A 483 -34.21 -1.22 0.36
C LYS A 483 -33.80 -2.10 1.53
N TRP A 484 -33.42 -1.52 2.67
CA TRP A 484 -32.94 -2.29 3.81
C TRP A 484 -33.67 -1.83 5.08
N GLU A 485 -33.83 -2.79 6.00
CA GLU A 485 -34.32 -2.50 7.34
C GLU A 485 -33.10 -2.44 8.26
N TYR A 486 -32.77 -1.24 8.70
CA TYR A 486 -31.52 -0.99 9.41
C TYR A 486 -31.68 -1.25 10.91
N HIS A 487 -30.62 -1.79 11.52
CA HIS A 487 -30.58 -2.01 12.95
C HIS A 487 -29.19 -1.67 13.46
N TYR A 488 -29.12 -1.31 14.75
CA TYR A 488 -27.85 -1.11 15.43
C TYR A 488 -27.84 -1.90 16.72
N ASP A 489 -26.88 -2.81 16.85
CA ASP A 489 -26.65 -3.56 18.08
C ASP A 489 -25.93 -2.64 19.06
N LYS A 490 -26.70 -2.01 19.96
CA LYS A 490 -26.11 -1.06 20.89
C LYS A 490 -25.14 -1.73 21.85
N VAL A 491 -25.41 -2.97 22.25
CA VAL A 491 -24.54 -3.67 23.18
C VAL A 491 -23.19 -3.97 22.55
N ALA A 492 -23.21 -4.56 21.35
CA ALA A 492 -21.97 -4.94 20.68
C ALA A 492 -21.35 -3.82 19.87
N GLN A 493 -22.08 -2.71 19.66
CA GLN A 493 -21.65 -1.60 18.80
C GLN A 493 -21.36 -2.10 17.39
N ALA A 494 -22.46 -2.45 16.71
CA ALA A 494 -22.36 -2.99 15.35
C ALA A 494 -23.67 -2.79 14.60
N PRO A 495 -23.63 -2.23 13.40
CA PRO A 495 -24.83 -2.13 12.57
C PRO A 495 -25.01 -3.36 11.71
N TYR A 496 -26.24 -3.53 11.22
CA TYR A 496 -26.53 -4.59 10.26
C TYR A 496 -27.85 -4.28 9.57
N VAL A 497 -27.94 -4.67 8.30
CA VAL A 497 -29.16 -4.52 7.51
C VAL A 497 -29.79 -5.89 7.34
N PHE A 498 -31.12 -5.90 7.21
CA PHE A 498 -31.85 -7.15 7.09
C PHE A 498 -33.06 -6.93 6.19
N ARG A 499 -33.25 -7.83 5.23
CA ARG A 499 -34.46 -7.82 4.40
C ARG A 499 -35.30 -9.03 4.78
N PRO A 500 -36.40 -8.84 5.51
CA PRO A 500 -37.12 -10.02 6.04
C PRO A 500 -37.76 -10.88 4.96
N ALA A 501 -38.24 -10.27 3.87
CA ALA A 501 -38.96 -11.02 2.84
C ALA A 501 -38.06 -11.99 2.10
N THR A 502 -36.74 -11.86 2.22
CA THR A 502 -35.82 -12.70 1.46
C THR A 502 -34.71 -13.32 2.30
N GLY A 503 -34.56 -12.93 3.56
CA GLY A 503 -33.51 -13.48 4.40
C GLY A 503 -32.14 -12.90 4.18
N ASP A 504 -32.03 -11.75 3.49
CA ASP A 504 -30.75 -11.11 3.28
C ASP A 504 -30.31 -10.40 4.55
N LEU A 505 -29.09 -10.70 5.00
CA LEU A 505 -28.54 -10.10 6.21
C LEU A 505 -27.06 -9.82 6.00
N ILE A 506 -26.66 -8.58 6.23
CA ILE A 506 -25.27 -8.14 6.03
C ILE A 506 -24.79 -7.45 7.29
N THR A 507 -23.59 -7.81 7.74
CA THR A 507 -22.93 -7.16 8.88
C THR A 507 -21.75 -6.35 8.38
N TYR A 508 -21.55 -5.18 8.98
CA TYR A 508 -20.55 -4.24 8.49
C TYR A 508 -20.28 -3.20 9.57
N ASP A 509 -19.43 -2.24 9.24
CA ASP A 509 -19.14 -1.08 10.09
C ASP A 509 -19.74 0.16 9.44
N ASP A 510 -20.45 0.96 10.22
CA ASP A 510 -20.95 2.25 9.75
C ASP A 510 -20.34 3.37 10.60
N ALA A 511 -20.81 4.60 10.36
CA ALA A 511 -20.22 5.75 11.03
C ALA A 511 -20.36 5.66 12.54
N ARG A 512 -21.48 5.12 13.02
CA ARG A 512 -21.70 5.02 14.46
C ARG A 512 -20.73 4.02 15.09
N SER A 513 -20.63 2.82 14.52
CA SER A 513 -19.71 1.83 15.06
C SER A 513 -18.26 2.25 14.85
N THR A 514 -17.97 2.94 13.74
CA THR A 514 -16.60 3.42 13.51
C THR A 514 -16.22 4.48 14.54
N ILE A 515 -17.14 5.39 14.88
CA ILE A 515 -16.88 6.36 15.92
C ILE A 515 -16.64 5.68 17.25
N GLU A 516 -17.42 4.64 17.55
CA GLU A 516 -17.24 3.90 18.79
C GLU A 516 -15.87 3.22 18.84
N LYS A 517 -15.35 2.78 17.69
CA LYS A 517 -14.01 2.23 17.66
C LYS A 517 -12.97 3.32 17.91
N GLY A 518 -13.26 4.56 17.49
CA GLY A 518 -12.35 5.66 17.79
C GLY A 518 -12.32 6.00 19.27
N LYS A 519 -13.49 6.08 19.89
CA LYS A 519 -13.57 6.26 21.34
C LYS A 519 -12.76 5.18 22.06
N TYR A 520 -12.93 3.93 21.63
CA TYR A 520 -12.23 2.82 22.26
C TYR A 520 -10.72 2.97 22.14
N VAL A 521 -10.24 3.44 20.99
CA VAL A 521 -8.80 3.61 20.79
C VAL A 521 -8.26 4.70 21.71
N ARG A 522 -9.01 5.79 21.87
CA ARG A 522 -8.55 6.88 22.72
C ARG A 522 -8.64 6.52 24.19
N ALA A 523 -9.71 5.82 24.59
CA ALA A 523 -9.88 5.43 25.99
C ALA A 523 -8.81 4.45 26.45
N ASN A 524 -8.22 3.69 25.53
CA ASN A 524 -7.23 2.67 25.88
C ASN A 524 -5.82 3.04 25.41
N LYS A 525 -5.60 4.29 25.01
CA LYS A 525 -4.28 4.76 24.58
C LYS A 525 -3.71 3.93 23.43
N LEU A 526 -4.59 3.53 22.52
CA LEU A 526 -4.18 2.71 21.39
C LEU A 526 -3.61 3.59 20.28
N GLY A 527 -3.18 2.95 19.19
CA GLY A 527 -2.47 3.66 18.14
C GLY A 527 -3.36 4.40 17.16
N GLY A 528 -4.52 3.88 16.88
CA GLY A 528 -5.41 4.52 15.93
C GLY A 528 -6.29 3.49 15.22
N LEU A 529 -6.73 3.85 14.02
CA LEU A 529 -7.61 3.02 13.23
C LEU A 529 -7.05 2.83 11.82
N PHE A 530 -7.43 1.71 11.21
CA PHE A 530 -7.13 1.46 9.81
C PHE A 530 -8.29 0.69 9.20
N ALA A 531 -8.44 0.79 7.88
CA ALA A 531 -9.63 0.28 7.22
C ALA A 531 -9.29 -0.43 5.92
N TRP A 532 -10.08 -1.45 5.61
CA TRP A 532 -10.07 -2.14 4.33
C TRP A 532 -11.50 -2.14 3.81
N GLU A 533 -11.69 -1.71 2.56
CA GLU A 533 -10.65 -1.15 1.71
C GLU A 533 -11.09 0.24 1.27
N ILE A 534 -10.14 1.10 0.89
CA ILE A 534 -10.45 2.52 0.71
C ILE A 534 -11.46 2.74 -0.41
N ASP A 535 -11.46 1.88 -1.42
CA ASP A 535 -12.36 2.07 -2.56
C ASP A 535 -13.79 1.67 -2.26
N ALA A 536 -14.06 1.06 -1.10
CA ALA A 536 -15.41 0.63 -0.74
C ALA A 536 -16.13 1.64 0.15
N ASP A 537 -15.56 2.82 0.34
CA ASP A 537 -16.12 3.84 1.22
C ASP A 537 -16.69 4.98 0.40
N ASN A 538 -17.83 5.50 0.84
CA ASN A 538 -18.40 6.71 0.26
C ASN A 538 -17.89 7.98 0.93
N GLY A 539 -17.04 7.84 1.94
CA GLY A 539 -16.54 8.97 2.71
C GLY A 539 -16.96 8.94 4.17
N ASP A 540 -18.13 8.33 4.46
CA ASP A 540 -18.66 8.35 5.81
C ASP A 540 -17.74 7.63 6.79
N ILE A 541 -17.19 6.48 6.39
CA ILE A 541 -16.38 5.70 7.32
C ILE A 541 -15.09 6.43 7.64
N LEU A 542 -14.33 6.84 6.61
CA LEU A 542 -13.09 7.57 6.85
C LEU A 542 -13.35 8.89 7.56
N ASN A 543 -14.50 9.52 7.30
CA ASN A 543 -14.90 10.68 8.09
C ASN A 543 -15.01 10.30 9.57
N ALA A 544 -15.70 9.20 9.86
CA ALA A 544 -15.89 8.79 11.24
C ALA A 544 -14.58 8.33 11.88
N MET A 545 -13.66 7.78 11.08
CA MET A 545 -12.35 7.41 11.61
C MET A 545 -11.59 8.65 12.09
N ASN A 546 -11.64 9.73 11.31
CA ASN A 546 -10.94 10.95 11.70
C ASN A 546 -11.61 11.62 12.89
N MET A 547 -12.94 11.74 12.85
CA MET A 547 -13.66 12.34 13.97
C MET A 547 -13.52 11.50 15.23
N GLY A 548 -13.65 10.18 15.10
CA GLY A 548 -13.53 9.31 16.25
C GLY A 548 -12.16 9.29 16.88
N LEU A 549 -11.14 9.76 16.16
CA LEU A 549 -9.77 9.78 16.68
C LEU A 549 -9.34 11.16 17.17
N GLY A 550 -10.13 12.20 16.93
CA GLY A 550 -9.86 13.52 17.45
C GLY A 550 -9.23 14.51 16.48
N ASN A 551 -9.22 14.21 15.19
CA ASN A 551 -8.65 15.12 14.21
C ASN A 551 -9.58 16.30 13.94
N SER A 552 -8.99 17.42 13.54
CA SER A 552 -9.73 18.64 13.30
C SER A 552 -10.28 18.67 11.87
N ALA A 553 -11.50 19.17 11.75
CA ALA A 553 -12.14 19.31 10.43
C ALA A 553 -11.99 20.74 9.93
#